data_5XWA
#
_entry.id   5XWA
#
_cell.length_a   83.165
_cell.length_b   83.165
_cell.length_c   135.232
_cell.angle_alpha   90.00
_cell.angle_beta   90.00
_cell.angle_gamma   120.00
#
_symmetry.space_group_name_H-M   'P 61 2 2'
#
loop_
_entity.id
_entity.type
_entity.pdbx_description
1 polymer Trypsin
2 polymer Trypsin
3 polymer 'Acetylated-Pro-Arg-Tyr Inhibitor'
4 non-polymer 'CALCIUM ION'
5 water water
#
loop_
_entity_poly.entity_id
_entity_poly.type
_entity_poly.pdbx_seq_one_letter_code
_entity_poly.pdbx_strand_id
1 'polypeptide(L)'
;FPTDDDDKIVGGYTCAANSIPYQVSLNSGSHFCGGSLINSQWVVSAAHCYKSRIQVRLGEHNIDVLEGNEQFINAAKIIT
HPNFNGNTLDNDIMLIKLSSPATLNSRVATVSLPRSCAAAGTECLISGWGNTK
;
A
2 'polypeptide(L)'
;SSGSSYPSLLQCLKAPVLSDSSCKSSYPGQITGNMICVGFLEGGKDSCQGDSGGPVVCNGQLQGIVSWGYGCAQKNKPGV
YTKVCNYVNWIQQTIAAN
;
B
3 'polypeptide(L)' (ACE)PRY C
#
loop_
_chem_comp.id
_chem_comp.type
_chem_comp.name
_chem_comp.formula
ACE non-polymer 'ACETYL GROUP' 'C2 H4 O'
CA non-polymer 'CALCIUM ION' 'Ca 2'
#
# COMPACT_ATOMS: atom_id res chain seq x y z
N ILE A 9 2.72 -10.55 1.84
CA ILE A 9 4.16 -10.37 2.11
C ILE A 9 4.82 -11.74 2.22
N VAL A 10 5.76 -12.01 1.30
CA VAL A 10 6.52 -13.26 1.28
C VAL A 10 7.87 -13.01 1.94
N GLY A 11 8.26 -13.91 2.84
CA GLY A 11 9.57 -13.81 3.46
C GLY A 11 9.70 -12.71 4.48
N GLY A 12 8.58 -12.23 5.02
CA GLY A 12 8.57 -11.20 6.04
C GLY A 12 8.47 -11.78 7.43
N TYR A 13 7.99 -10.94 8.36
CA TYR A 13 7.80 -11.31 9.75
C TYR A 13 6.47 -10.72 10.20
N THR A 14 5.92 -11.25 11.30
CA THR A 14 4.66 -10.71 11.80
C THR A 14 4.93 -9.36 12.48
N CYS A 15 4.25 -8.31 12.03
CA CYS A 15 4.36 -7.02 12.72
C CYS A 15 3.89 -7.17 14.17
N ALA A 16 4.52 -6.40 15.06
CA ALA A 16 3.97 -6.24 16.39
C ALA A 16 2.59 -5.61 16.27
N ALA A 17 1.66 -6.09 17.10
CA ALA A 17 0.26 -5.66 16.98
C ALA A 17 0.16 -4.14 17.03
N ASN A 18 -0.51 -3.56 16.03
CA ASN A 18 -0.79 -2.13 15.95
C ASN A 18 0.48 -1.27 15.91
N SER A 19 1.61 -1.87 15.51
CA SER A 19 2.83 -1.08 15.37
C SER A 19 2.91 -0.36 14.03
N ILE A 20 1.96 -0.61 13.13
CA ILE A 20 1.87 0.07 11.83
C ILE A 20 0.52 0.78 11.82
N PRO A 21 0.32 1.82 12.64
CA PRO A 21 -1.04 2.32 12.89
C PRO A 21 -1.67 3.02 11.70
N TYR A 22 -0.91 3.34 10.65
CA TYR A 22 -1.45 3.92 9.42
C TYR A 22 -1.93 2.86 8.43
N GLN A 23 -1.66 1.57 8.68
CA GLN A 23 -2.09 0.53 7.77
C GLN A 23 -3.59 0.25 7.92
N VAL A 24 -4.30 0.22 6.80
CA VAL A 24 -5.71 -0.15 6.82
C VAL A 24 -5.93 -1.35 5.91
N SER A 25 -7.04 -2.04 6.15
CA SER A 25 -7.52 -3.13 5.30
C SER A 25 -8.76 -2.64 4.56
N LEU A 26 -8.79 -2.85 3.24
CA LEU A 26 -9.97 -2.53 2.44
C LEU A 26 -10.80 -3.79 2.31
N ASN A 27 -12.09 -3.69 2.63
CA ASN A 27 -12.95 -4.85 2.83
C ASN A 27 -14.24 -4.68 2.03
N SER A 28 -14.61 -5.70 1.28
CA SER A 28 -15.91 -5.73 0.60
C SER A 28 -16.62 -7.03 0.89
N GLY A 29 -16.66 -7.41 2.16
CA GLY A 29 -17.10 -8.74 2.55
C GLY A 29 -15.91 -9.52 3.11
N SER A 30 -14.77 -9.37 2.45
CA SER A 30 -13.50 -9.88 2.96
C SER A 30 -12.40 -8.90 2.54
N HIS A 31 -11.23 -9.08 3.15
CA HIS A 31 -10.08 -8.26 2.80
C HIS A 31 -9.70 -8.47 1.34
N PHE A 32 -9.43 -7.37 0.62
CA PHE A 32 -8.94 -7.50 -0.74
C PHE A 32 -7.75 -6.61 -1.08
N CYS A 33 -7.45 -5.58 -0.29
CA CYS A 33 -6.38 -4.63 -0.59
C CYS A 33 -5.98 -3.91 0.69
N GLY A 34 -4.82 -3.26 0.67
CA GLY A 34 -4.39 -2.39 1.75
C GLY A 34 -4.56 -0.93 1.40
N GLY A 35 -4.15 -0.09 2.35
CA GLY A 35 -4.17 1.36 2.18
C GLY A 35 -3.43 2.01 3.34
N SER A 36 -3.19 3.32 3.21
CA SER A 36 -2.49 4.08 4.25
C SER A 36 -3.32 5.30 4.62
N LEU A 37 -3.48 5.52 5.93
CA LEU A 37 -4.21 6.68 6.42
C LEU A 37 -3.31 7.91 6.38
N ILE A 38 -3.74 8.96 5.68
CA ILE A 38 -2.90 10.15 5.56
C ILE A 38 -3.51 11.38 6.23
N ASN A 39 -4.83 11.43 6.44
CA ASN A 39 -5.39 12.30 7.48
C ASN A 39 -6.64 11.61 8.02
N SER A 40 -7.32 12.23 8.97
CA SER A 40 -8.39 11.49 9.65
C SER A 40 -9.53 11.10 8.70
N GLN A 41 -9.61 11.71 7.52
CA GLN A 41 -10.70 11.45 6.60
C GLN A 41 -10.30 10.73 5.32
N TRP A 42 -9.02 10.49 5.09
CA TRP A 42 -8.57 10.06 3.76
C TRP A 42 -7.53 8.95 3.84
N VAL A 43 -7.73 7.93 3.01
CA VAL A 43 -6.82 6.80 2.84
C VAL A 43 -6.30 6.86 1.41
N VAL A 44 -5.01 6.62 1.22
CA VAL A 44 -4.47 6.49 -0.13
C VAL A 44 -4.19 5.01 -0.41
N SER A 45 -4.51 4.57 -1.62
CA SER A 45 -4.39 3.16 -1.99
C SER A 45 -4.06 3.10 -3.49
N ALA A 46 -4.29 1.95 -4.11
CA ALA A 46 -4.00 1.77 -5.53
C ALA A 46 -5.29 1.84 -6.32
N ALA A 47 -5.22 2.43 -7.52
CA ALA A 47 -6.44 2.53 -8.34
C ALA A 47 -6.94 1.17 -8.78
N HIS A 48 -6.07 0.17 -8.96
CA HIS A 48 -6.62 -1.11 -9.39
C HIS A 48 -7.35 -1.83 -8.25
N CYS A 49 -7.28 -1.32 -7.04
CA CYS A 49 -8.13 -1.77 -5.95
C CYS A 49 -9.52 -1.15 -5.96
N TYR A 50 -9.91 -0.45 -7.02
CA TYR A 50 -11.21 0.21 -7.03
C TYR A 50 -12.36 -0.79 -6.93
N LYS A 51 -13.32 -0.47 -6.07
CA LYS A 51 -14.63 -1.10 -6.06
C LYS A 51 -15.68 -0.02 -5.82
N SER A 52 -16.90 -0.26 -6.27
CA SER A 52 -17.93 0.78 -6.12
C SER A 52 -18.26 1.02 -4.66
N ARG A 53 -18.09 0.01 -3.79
CA ARG A 53 -18.30 0.17 -2.36
C ARG A 53 -17.16 -0.47 -1.60
N ILE A 54 -16.62 0.25 -0.61
CA ILE A 54 -15.46 -0.20 0.16
C ILE A 54 -15.69 0.13 1.62
N GLN A 55 -15.46 -0.83 2.52
CA GLN A 55 -15.40 -0.56 3.95
C GLN A 55 -13.94 -0.51 4.40
N VAL A 56 -13.57 0.59 5.04
CA VAL A 56 -12.19 0.77 5.50
C VAL A 56 -12.10 0.28 6.94
N ARG A 57 -11.15 -0.61 7.21
CA ARG A 57 -10.98 -1.19 8.53
C ARG A 57 -9.64 -0.74 9.10
N LEU A 58 -9.70 0.09 10.15
CA LEU A 58 -8.54 0.70 10.79
C LEU A 58 -8.31 0.04 12.15
N GLY A 59 -7.08 0.18 12.65
CA GLY A 59 -6.75 -0.41 13.94
C GLY A 59 -6.67 -1.91 13.96
N GLU A 60 -6.49 -2.55 12.80
CA GLU A 60 -6.50 -4.01 12.71
C GLU A 60 -5.12 -4.60 12.97
N HIS A 61 -5.11 -5.79 13.60
CA HIS A 61 -3.97 -6.69 13.53
C HIS A 61 -4.37 -8.06 13.00
N ASN A 62 -5.22 -8.80 13.72
CA ASN A 62 -5.87 -10.01 13.21
C ASN A 62 -7.17 -9.60 12.51
N ILE A 63 -7.22 -9.71 11.18
CA ILE A 63 -8.40 -9.25 10.44
C ILE A 63 -9.58 -10.21 10.55
N ASP A 64 -9.42 -11.35 11.23
CA ASP A 64 -10.49 -12.32 11.40
C ASP A 64 -11.11 -12.31 12.79
N VAL A 65 -10.51 -11.61 13.74
CA VAL A 65 -10.90 -11.68 15.14
C VAL A 65 -11.07 -10.26 15.65
N LEU A 66 -12.21 -9.98 16.29
CA LEU A 66 -12.43 -8.68 16.91
C LEU A 66 -11.56 -8.55 18.16
N GLU A 67 -10.64 -7.58 18.15
CA GLU A 67 -9.67 -7.41 19.23
C GLU A 67 -9.93 -6.19 20.10
N GLY A 68 -10.71 -5.23 19.64
CA GLY A 68 -11.12 -4.09 20.46
C GLY A 68 -10.61 -2.75 19.98
N ASN A 69 -9.63 -2.70 19.08
CA ASN A 69 -9.09 -1.43 18.61
C ASN A 69 -9.58 -1.06 17.21
N GLU A 70 -10.46 -1.86 16.62
CA GLU A 70 -10.88 -1.65 15.25
C GLU A 70 -11.84 -0.47 15.11
N GLN A 71 -11.78 0.17 13.94
CA GLN A 71 -12.81 1.10 13.48
C GLN A 71 -13.19 0.70 12.06
N PHE A 72 -14.47 0.42 11.83
CA PHE A 72 -14.99 0.04 10.51
C PHE A 72 -15.78 1.23 9.99
N ILE A 73 -15.32 1.83 8.90
CA ILE A 73 -15.94 3.04 8.35
C ILE A 73 -16.09 2.87 6.85
N ASN A 74 -17.32 3.02 6.34
CA ASN A 74 -17.56 2.88 4.91
C ASN A 74 -17.09 4.11 4.15
N ALA A 75 -16.62 3.89 2.92
CA ALA A 75 -16.18 5.00 2.07
C ALA A 75 -17.36 5.85 1.64
N ALA A 76 -17.16 7.17 1.63
CA ALA A 76 -18.13 8.10 1.07
C ALA A 76 -17.76 8.53 -0.35
N LYS A 77 -16.47 8.60 -0.67
CA LYS A 77 -15.97 8.95 -2.00
C LYS A 77 -14.78 8.07 -2.32
N ILE A 78 -14.64 7.73 -3.59
CA ILE A 78 -13.52 6.93 -4.08
C ILE A 78 -13.05 7.56 -5.38
N ILE A 79 -11.82 8.06 -5.40
CA ILE A 79 -11.31 8.88 -6.50
C ILE A 79 -10.04 8.22 -7.03
N THR A 80 -10.12 7.65 -8.23
CA THR A 80 -8.95 7.09 -8.89
C THR A 80 -8.23 8.17 -9.67
N HIS A 81 -6.92 8.02 -9.82
CA HIS A 81 -6.16 9.00 -10.60
C HIS A 81 -6.73 9.08 -12.01
N PRO A 82 -6.97 10.27 -12.55
CA PRO A 82 -7.64 10.35 -13.86
C PRO A 82 -6.82 9.75 -14.99
N ASN A 83 -5.51 9.59 -14.84
CA ASN A 83 -4.69 9.02 -15.90
C ASN A 83 -4.23 7.60 -15.60
N PHE A 84 -4.88 6.94 -14.64
CA PHE A 84 -4.67 5.50 -14.43
C PHE A 84 -4.80 4.76 -15.75
N ASN A 85 -3.87 3.83 -16.01
CA ASN A 85 -3.92 2.97 -17.20
C ASN A 85 -4.11 1.55 -16.71
N GLY A 86 -5.27 0.97 -16.98
CA GLY A 86 -5.57 -0.36 -16.47
C GLY A 86 -4.81 -1.48 -17.12
N ASN A 87 -4.18 -1.22 -18.26
CA ASN A 87 -3.37 -2.24 -18.94
C ASN A 87 -1.94 -2.27 -18.45
N THR A 88 -1.36 -1.11 -18.12
CA THR A 88 0.02 -1.04 -17.66
C THR A 88 0.16 -0.75 -16.18
N LEU A 89 -0.94 -0.40 -15.50
CA LEU A 89 -0.95 0.06 -14.11
C LEU A 89 -0.14 1.34 -13.88
N ASP A 90 0.07 2.15 -14.93
CA ASP A 90 0.64 3.48 -14.72
C ASP A 90 -0.36 4.35 -13.96
N ASN A 91 0.16 5.25 -13.11
CA ASN A 91 -0.67 6.12 -12.27
C ASN A 91 -1.61 5.31 -11.38
N ASP A 92 -1.07 4.27 -10.74
CA ASP A 92 -1.87 3.34 -9.94
C ASP A 92 -2.03 3.90 -8.52
N ILE A 93 -2.92 4.88 -8.39
CA ILE A 93 -3.12 5.55 -7.10
C ILE A 93 -4.58 5.98 -6.99
N MET A 94 -5.10 5.94 -5.76
CA MET A 94 -6.52 6.15 -5.50
C MET A 94 -6.66 6.75 -4.11
N LEU A 95 -7.65 7.64 -3.95
CA LEU A 95 -7.94 8.26 -2.66
C LEU A 95 -9.35 7.88 -2.22
N ILE A 96 -9.49 7.50 -0.94
CA ILE A 96 -10.76 7.07 -0.37
C ILE A 96 -11.12 8.05 0.75
N LYS A 97 -12.29 8.67 0.65
CA LYS A 97 -12.80 9.52 1.73
C LYS A 97 -13.68 8.71 2.66
N LEU A 98 -13.39 8.76 3.95
CA LEU A 98 -14.20 8.06 4.95
C LEU A 98 -15.51 8.79 5.17
N SER A 99 -16.60 8.04 5.37
CA SER A 99 -17.89 8.67 5.56
C SER A 99 -17.99 9.41 6.88
N SER A 100 -17.19 9.05 7.86
CA SER A 100 -17.00 9.86 9.06
C SER A 100 -15.51 9.81 9.42
N PRO A 101 -14.99 10.83 10.09
CA PRO A 101 -13.56 10.83 10.39
C PRO A 101 -13.19 9.71 11.35
N ALA A 102 -12.06 9.06 11.05
CA ALA A 102 -11.52 8.11 12.00
C ALA A 102 -11.11 8.82 13.28
N THR A 103 -11.18 8.11 14.40
CA THR A 103 -10.65 8.61 15.66
C THR A 103 -9.17 8.25 15.75
N LEU A 104 -8.30 9.26 15.73
CA LEU A 104 -6.84 9.03 15.73
C LEU A 104 -6.39 8.73 17.15
N ASN A 105 -5.91 7.51 17.41
CA ASN A 105 -5.42 7.19 18.74
C ASN A 105 -4.46 6.01 18.68
N SER A 106 -3.42 6.08 19.53
CA SER A 106 -2.16 5.32 19.50
C SER A 106 -2.10 4.13 18.53
N ARG A 107 -3.23 3.52 18.17
CA ARG A 107 -3.25 2.42 17.22
C ARG A 107 -3.84 2.78 15.86
N VAL A 108 -4.33 4.01 15.69
CA VAL A 108 -4.87 4.51 14.43
C VAL A 108 -4.25 5.89 14.20
N ALA A 109 -3.34 5.99 13.24
CA ALA A 109 -2.54 7.22 13.11
C ALA A 109 -2.15 7.43 11.65
N THR A 110 -1.74 8.65 11.32
CA THR A 110 -1.42 8.99 9.94
C THR A 110 0.06 8.78 9.66
N VAL A 111 0.39 8.62 8.38
CA VAL A 111 1.77 8.58 7.92
C VAL A 111 2.03 9.82 7.05
N SER A 112 3.22 10.39 7.19
CA SER A 112 3.55 11.62 6.47
C SER A 112 3.79 11.35 4.99
N LEU A 113 3.39 12.31 4.15
CA LEU A 113 3.75 12.28 2.74
C LEU A 113 5.22 12.66 2.57
N PRO A 114 5.84 12.32 1.44
CA PRO A 114 7.29 12.52 1.31
C PRO A 114 7.66 13.97 1.04
N ARG A 115 8.78 14.39 1.64
CA ARG A 115 9.33 15.71 1.37
C ARG A 115 10.31 15.71 0.20
N SER A 116 10.78 14.54 -0.21
CA SER A 116 11.57 14.37 -1.42
C SER A 116 11.51 12.89 -1.77
N CYS A 117 12.01 12.54 -2.96
CA CYS A 117 12.07 11.13 -3.32
C CYS A 117 13.19 10.42 -2.56
N ALA A 118 13.01 9.12 -2.35
CA ALA A 118 13.98 8.31 -1.61
C ALA A 118 15.14 7.87 -2.52
N ALA A 119 16.34 7.93 -1.97
CA ALA A 119 17.51 7.51 -2.73
C ALA A 119 17.55 6.00 -2.85
N ALA A 120 18.09 5.51 -3.96
CA ALA A 120 18.33 4.09 -4.12
C ALA A 120 19.18 3.58 -2.97
N GLY A 121 18.81 2.43 -2.43
CA GLY A 121 19.46 1.89 -1.26
C GLY A 121 18.79 2.22 0.07
N THR A 122 17.85 3.17 0.08
CA THR A 122 17.16 3.51 1.31
C THR A 122 16.34 2.32 1.80
N GLU A 123 16.46 1.99 3.08
CA GLU A 123 15.70 0.90 3.66
C GLU A 123 14.29 1.37 4.00
N CYS A 124 13.30 0.55 3.63
CA CYS A 124 11.89 0.88 3.86
C CYS A 124 11.17 -0.27 4.52
N LEU A 125 9.97 0.03 5.00
CA LEU A 125 9.10 -0.96 5.65
C LEU A 125 7.84 -1.11 4.80
N ILE A 126 7.57 -2.36 4.38
CA ILE A 126 6.41 -2.72 3.57
C ILE A 126 5.52 -3.64 4.41
N SER A 127 4.21 -3.47 4.31
CA SER A 127 3.33 -4.26 5.17
C SER A 127 2.02 -4.59 4.48
N GLY A 128 1.36 -5.66 4.94
CA GLY A 128 0.07 -6.00 4.38
C GLY A 128 -0.40 -7.37 4.81
N TRP A 129 -1.66 -7.66 4.45
CA TRP A 129 -2.26 -8.98 4.66
C TRP A 129 -2.31 -9.81 3.38
N GLY A 130 -1.37 -9.59 2.47
CA GLY A 130 -1.33 -10.35 1.24
C GLY A 130 -0.73 -11.74 1.43
N ASN A 131 -0.74 -12.49 0.33
CA ASN A 131 -0.27 -13.87 0.38
C ASN A 131 1.18 -13.94 0.88
N THR A 132 1.46 -14.98 1.65
CA THR A 132 2.78 -15.17 2.24
C THR A 132 3.53 -16.33 1.59
N SER B 1 -12.43 -12.94 7.31
CA SER B 1 -12.01 -11.86 6.44
C SER B 1 -10.76 -12.19 5.63
N SER B 2 -9.91 -13.08 6.15
CA SER B 2 -8.72 -13.49 5.40
C SER B 2 -9.03 -14.59 4.37
N GLY B 3 -10.21 -15.18 4.42
CA GLY B 3 -10.59 -16.13 3.38
C GLY B 3 -9.68 -17.34 3.35
N SER B 4 -9.30 -17.74 2.13
CA SER B 4 -8.66 -19.02 1.90
C SER B 4 -7.14 -18.98 1.85
N SER B 5 -6.53 -17.82 1.58
CA SER B 5 -5.09 -17.79 1.35
C SER B 5 -4.39 -16.72 2.16
N TYR B 6 -5.07 -15.64 2.49
CA TYR B 6 -4.41 -14.53 3.15
C TYR B 6 -4.11 -14.88 4.61
N PRO B 7 -3.06 -14.30 5.17
CA PRO B 7 -2.81 -14.45 6.62
C PRO B 7 -3.79 -13.62 7.44
N SER B 8 -4.01 -14.07 8.68
CA SER B 8 -4.83 -13.30 9.62
C SER B 8 -4.07 -12.10 10.16
N LEU B 9 -2.76 -12.24 10.39
CA LEU B 9 -1.97 -11.23 11.09
C LEU B 9 -1.20 -10.35 10.10
N LEU B 10 -1.12 -9.06 10.39
CA LEU B 10 -0.39 -8.13 9.54
C LEU B 10 1.08 -8.52 9.43
N GLN B 11 1.60 -8.55 8.20
CA GLN B 11 2.99 -8.94 7.96
C GLN B 11 3.83 -7.72 7.57
N CYS B 12 5.12 -7.80 7.88
CA CYS B 12 6.06 -6.70 7.76
C CYS B 12 7.30 -7.16 6.99
N LEU B 13 7.91 -6.24 6.24
CA LEU B 13 9.12 -6.59 5.50
C LEU B 13 10.01 -5.37 5.35
N LYS B 14 11.29 -5.53 5.67
CA LYS B 14 12.28 -4.48 5.40
C LYS B 14 12.92 -4.74 4.04
N ALA B 15 12.93 -3.72 3.19
CA ALA B 15 13.37 -3.88 1.81
C ALA B 15 13.93 -2.55 1.31
N PRO B 16 14.96 -2.58 0.45
CA PRO B 16 15.55 -1.32 -0.05
C PRO B 16 14.99 -0.85 -1.37
N VAL B 17 14.91 0.48 -1.55
CA VAL B 17 14.66 1.05 -2.87
C VAL B 17 15.78 0.62 -3.81
N LEU B 18 15.40 0.21 -5.02
CA LEU B 18 16.37 -0.20 -6.02
C LEU B 18 16.58 0.89 -7.05
N SER B 19 17.77 0.89 -7.66
CA SER B 19 18.08 1.89 -8.67
C SER B 19 17.09 1.82 -9.82
N ASP B 20 16.86 2.96 -10.47
CA ASP B 20 16.01 2.99 -11.65
C ASP B 20 16.53 2.06 -12.74
N SER B 21 17.85 1.97 -12.89
CA SER B 21 18.42 1.10 -13.91
C SER B 21 18.09 -0.37 -13.64
N SER B 22 18.18 -0.80 -12.38
CA SER B 22 17.86 -2.18 -12.06
C SER B 22 16.39 -2.47 -12.31
N CYS B 23 15.52 -1.49 -12.00
CA CYS B 23 14.08 -1.65 -12.18
C CYS B 23 13.74 -1.83 -13.66
N LYS B 24 14.25 -0.93 -14.51
CA LYS B 24 14.01 -1.08 -15.94
C LYS B 24 14.65 -2.35 -16.51
N SER B 25 15.81 -2.74 -16.00
CA SER B 25 16.45 -3.98 -16.45
C SER B 25 15.62 -5.20 -16.07
N SER B 26 14.95 -5.17 -14.91
CA SER B 26 14.13 -6.30 -14.49
C SER B 26 12.84 -6.39 -15.29
N TYR B 27 12.30 -5.25 -15.72
CA TYR B 27 11.01 -5.17 -16.41
C TYR B 27 11.15 -4.35 -17.68
N PRO B 28 11.87 -4.84 -18.68
CA PRO B 28 12.09 -4.04 -19.89
C PRO B 28 10.77 -3.68 -20.56
N GLY B 29 10.64 -2.40 -20.91
CA GLY B 29 9.46 -1.89 -21.60
C GLY B 29 8.24 -1.66 -20.74
N GLN B 30 8.31 -1.90 -19.44
CA GLN B 30 7.12 -1.83 -18.59
C GLN B 30 7.18 -0.79 -17.48
N ILE B 31 8.32 -0.11 -17.27
CA ILE B 31 8.48 0.82 -16.15
C ILE B 31 8.32 2.25 -16.67
N THR B 32 7.41 3.00 -16.07
CA THR B 32 7.26 4.43 -16.36
C THR B 32 7.95 5.23 -15.27
N GLY B 33 7.96 6.55 -15.44
CA GLY B 33 8.51 7.41 -14.39
C GLY B 33 7.69 7.43 -13.10
N ASN B 34 6.49 6.88 -13.12
CA ASN B 34 5.62 6.84 -11.95
C ASN B 34 5.76 5.55 -11.14
N MET B 35 6.83 4.79 -11.37
CA MET B 35 7.01 3.50 -10.72
C MET B 35 8.41 3.41 -10.14
N ILE B 36 8.52 2.76 -8.98
CA ILE B 36 9.82 2.44 -8.38
C ILE B 36 9.82 0.97 -8.00
N CYS B 37 11.00 0.38 -8.04
CA CYS B 37 11.21 -1.00 -7.62
C CYS B 37 11.76 -0.99 -6.21
N VAL B 38 11.21 -1.86 -5.36
CA VAL B 38 11.66 -2.01 -3.99
C VAL B 38 11.72 -3.50 -3.69
N GLY B 39 12.85 -3.96 -3.15
CA GLY B 39 12.97 -5.37 -2.84
C GLY B 39 14.35 -5.95 -3.05
N PHE B 40 14.40 -7.18 -3.53
CA PHE B 40 15.64 -7.95 -3.59
C PHE B 40 15.73 -8.65 -4.93
N LEU B 41 16.80 -8.38 -5.69
CA LEU B 41 16.96 -9.03 -6.98
C LEU B 41 17.20 -10.53 -6.84
N GLU B 42 17.68 -10.99 -5.68
CA GLU B 42 17.82 -12.41 -5.41
C GLU B 42 16.48 -13.10 -5.18
N GLY B 43 15.38 -12.35 -5.07
CA GLY B 43 14.09 -12.94 -4.74
C GLY B 43 14.01 -13.38 -3.28
N GLY B 44 12.93 -14.08 -2.96
CA GLY B 44 12.72 -14.64 -1.64
C GLY B 44 11.92 -13.76 -0.69
N LYS B 45 11.91 -12.46 -0.90
CA LYS B 45 11.23 -11.49 -0.05
C LYS B 45 10.56 -10.42 -0.91
N ASP B 46 9.27 -10.20 -0.72
CA ASP B 46 8.51 -9.37 -1.65
C ASP B 46 7.11 -9.14 -1.07
N SER B 47 6.40 -8.16 -1.63
CA SER B 47 4.96 -8.11 -1.45
C SER B 47 4.28 -9.08 -2.43
N CYS B 48 2.97 -9.23 -2.33
CA CYS B 48 2.26 -10.24 -3.11
C CYS B 48 0.77 -9.90 -3.16
N GLN B 49 -0.01 -10.74 -3.85
CA GLN B 49 -1.44 -10.48 -3.99
C GLN B 49 -2.13 -10.34 -2.64
N GLY B 50 -2.97 -9.33 -2.51
CA GLY B 50 -3.55 -8.94 -1.25
C GLY B 50 -2.83 -7.79 -0.57
N ASP B 51 -1.60 -7.47 -1.01
CA ASP B 51 -0.89 -6.33 -0.44
C ASP B 51 -1.12 -5.03 -1.20
N SER B 52 -1.62 -5.09 -2.44
CA SER B 52 -1.83 -3.89 -3.24
C SER B 52 -2.56 -2.80 -2.48
N GLY B 53 -2.17 -1.55 -2.74
CA GLY B 53 -2.70 -0.41 -2.06
C GLY B 53 -1.98 -0.04 -0.79
N GLY B 54 -1.22 -0.98 -0.21
CA GLY B 54 -0.59 -0.78 1.06
C GLY B 54 0.72 -0.02 0.95
N PRO B 55 1.31 0.28 2.12
CA PRO B 55 2.40 1.26 2.20
C PRO B 55 3.80 0.70 2.04
N VAL B 56 4.67 1.55 1.47
CA VAL B 56 6.12 1.44 1.57
C VAL B 56 6.58 2.73 2.24
N VAL B 57 7.12 2.62 3.46
CA VAL B 57 7.44 3.78 4.27
C VAL B 57 8.94 3.79 4.54
N CYS B 58 9.60 4.88 4.20
CA CYS B 58 11.05 5.00 4.30
C CYS B 58 11.36 6.24 5.12
N ASN B 59 12.10 6.06 6.22
CA ASN B 59 12.45 7.18 7.09
C ASN B 59 11.22 7.99 7.45
N GLY B 60 10.14 7.29 7.78
CA GLY B 60 8.92 7.92 8.24
C GLY B 60 8.04 8.54 7.17
N GLN B 61 8.36 8.35 5.88
CA GLN B 61 7.62 8.95 4.78
C GLN B 61 7.08 7.87 3.84
N LEU B 62 5.83 8.03 3.43
CA LEU B 62 5.23 7.14 2.45
C LEU B 62 5.86 7.38 1.09
N GLN B 63 6.64 6.40 0.59
CA GLN B 63 7.28 6.57 -0.72
C GLN B 63 6.72 5.65 -1.80
N GLY B 64 5.98 4.60 -1.43
CA GLY B 64 5.47 3.67 -2.41
C GLY B 64 4.11 3.12 -2.03
N ILE B 65 3.37 2.70 -3.05
CA ILE B 65 2.11 1.99 -2.89
C ILE B 65 2.23 0.66 -3.61
N VAL B 66 1.91 -0.43 -2.90
CA VAL B 66 2.02 -1.76 -3.52
C VAL B 66 1.19 -1.80 -4.79
N SER B 67 1.81 -2.17 -5.91
CA SER B 67 1.13 -2.12 -7.20
C SER B 67 1.16 -3.45 -7.95
N TRP B 68 2.33 -3.90 -8.40
CA TRP B 68 2.36 -5.10 -9.22
C TRP B 68 3.76 -5.72 -9.23
N GLY B 69 3.85 -6.86 -9.89
CA GLY B 69 5.12 -7.54 -10.13
C GLY B 69 4.85 -8.79 -10.94
N TYR B 70 5.94 -9.43 -11.40
CA TYR B 70 5.81 -10.74 -12.05
C TYR B 70 5.96 -11.82 -10.97
N GLY B 71 4.87 -12.53 -10.69
CA GLY B 71 4.91 -13.49 -9.60
C GLY B 71 5.08 -12.74 -8.28
N CYS B 72 5.60 -13.46 -7.28
CA CYS B 72 5.97 -12.87 -6.00
C CYS B 72 7.30 -13.45 -5.55
N ALA B 73 8.22 -12.58 -5.17
CA ALA B 73 9.51 -12.97 -4.61
C ALA B 73 10.35 -13.79 -5.60
N GLN B 74 10.12 -13.56 -6.89
CA GLN B 74 10.90 -14.24 -7.93
C GLN B 74 12.22 -13.52 -8.15
N LYS B 75 13.23 -14.29 -8.58
CA LYS B 75 14.54 -13.72 -8.85
C LYS B 75 14.48 -12.74 -10.02
N ASN B 76 15.16 -11.60 -9.85
CA ASN B 76 15.22 -10.52 -10.84
C ASN B 76 13.85 -9.94 -11.17
N LYS B 77 12.87 -10.12 -10.28
CA LYS B 77 11.53 -9.58 -10.48
C LYS B 77 11.07 -8.98 -9.16
N PRO B 78 11.67 -7.87 -8.74
CA PRO B 78 11.25 -7.23 -7.48
C PRO B 78 9.88 -6.59 -7.64
N GLY B 79 9.28 -6.26 -6.50
CA GLY B 79 7.99 -5.59 -6.53
C GLY B 79 8.08 -4.22 -7.19
N VAL B 80 7.02 -3.84 -7.88
CA VAL B 80 6.89 -2.54 -8.52
C VAL B 80 5.83 -1.73 -7.79
N TYR B 81 6.15 -0.48 -7.45
CA TYR B 81 5.35 0.33 -6.55
C TYR B 81 5.06 1.68 -7.18
N THR B 82 3.87 2.21 -6.92
CA THR B 82 3.55 3.56 -7.34
C THR B 82 4.44 4.56 -6.61
N LYS B 83 5.04 5.50 -7.35
CA LYS B 83 6.07 6.40 -6.83
C LYS B 83 5.40 7.60 -6.17
N VAL B 84 5.24 7.57 -4.84
CA VAL B 84 4.38 8.55 -4.16
C VAL B 84 4.95 9.97 -4.25
N CYS B 85 6.28 10.11 -4.36
CA CYS B 85 6.87 11.46 -4.46
C CYS B 85 6.58 12.13 -5.80
N ASN B 86 5.84 11.48 -6.69
CA ASN B 86 5.29 12.15 -7.88
C ASN B 86 3.91 12.74 -7.65
N TYR B 87 3.26 12.44 -6.52
CA TYR B 87 1.82 12.68 -6.41
C TYR B 87 1.41 13.54 -5.20
N VAL B 88 2.35 14.18 -4.49
CA VAL B 88 1.95 14.96 -3.32
C VAL B 88 0.98 16.08 -3.73
N ASN B 89 1.22 16.73 -4.87
CA ASN B 89 0.30 17.80 -5.26
C ASN B 89 -1.06 17.22 -5.66
N TRP B 90 -1.10 16.11 -6.40
CA TRP B 90 -2.39 15.48 -6.69
C TRP B 90 -3.11 15.10 -5.39
N ILE B 91 -2.39 14.53 -4.43
CA ILE B 91 -3.01 14.11 -3.18
C ILE B 91 -3.55 15.31 -2.42
N GLN B 92 -2.69 16.32 -2.20
CA GLN B 92 -3.11 17.47 -1.41
C GLN B 92 -4.24 18.25 -2.09
N GLN B 93 -4.14 18.45 -3.41
CA GLN B 93 -5.18 19.23 -4.07
C GLN B 93 -6.51 18.47 -4.12
N THR B 94 -6.45 17.14 -4.28
CA THR B 94 -7.68 16.36 -4.28
C THR B 94 -8.35 16.39 -2.92
N ILE B 95 -7.56 16.23 -1.86
CA ILE B 95 -8.11 16.31 -0.50
C ILE B 95 -8.68 17.70 -0.22
N ALA B 96 -7.94 18.74 -0.63
CA ALA B 96 -8.38 20.10 -0.33
C ALA B 96 -9.72 20.43 -0.96
N ALA B 97 -10.04 19.82 -2.10
CA ALA B 97 -11.24 20.16 -2.86
C ALA B 97 -12.35 19.11 -2.75
N ASN B 98 -12.18 18.10 -1.90
CA ASN B 98 -13.22 17.06 -1.82
C ASN B 98 -13.62 16.71 -0.39
C ACE C 1 0.21 -8.21 -11.05
O ACE C 1 0.92 -8.01 -10.07
CH3 ACE C 1 0.52 -9.31 -12.04
N PRO C 2 -0.96 -7.57 -11.14
CA PRO C 2 -1.53 -6.69 -10.10
C PRO C 2 -1.62 -7.42 -8.77
N ARG C 3 -1.25 -6.75 -7.69
CA ARG C 3 -1.18 -7.47 -6.42
C ARG C 3 -2.43 -7.19 -5.56
CA CA D . -9.41 -7.59 14.21
#